data_3KDU
#
_entry.id   3KDU
#
_cell.length_a   63.930
_cell.length_b   63.930
_cell.length_c   126.771
_cell.angle_alpha   90.000
_cell.angle_beta   90.000
_cell.angle_gamma   90.000
#
_symmetry.space_group_name_H-M   'P 41'
#
loop_
_entity.id
_entity.type
_entity.pdbx_description
1 polymer 'Peroxisome proliferator-activated receptor alpha'
2 non-polymer N-(3-{[2-(4-chlorophenyl)-5-methyl-1,3-oxazol-4-yl]methoxy}benzyl)-N-[(4-methylphenoxy)carbonyl]glycine
3 water water
#
_entity_poly.entity_id   1
_entity_poly.type   'polypeptide(L)'
_entity_poly.pdbx_seq_one_letter_code
;GSHMEDSETADLKSLAKRIYEAYLKNFNMNKVKARVILSGKASNNPPFVIHDMETLCMAEKTLVAKLVANGIQNKEAEVR
IFHCCQCTSVETVTELTEFAKAIPGFANLDLNDQVTLLKYGVYEAIFAMLSSVMNKDGMLVAYGNGFITREFLKSLRKPF
CDIMEPKFDFAMKFNALELDDSDISLFVAAIICCGDRPGLLNVGHIEKMQEGIVHVLRLHLQSNHPDDIFLFPKLLQKMA
DLRQLVTEHAQLVQIIKKTESDAALHPLLQEIYRDMY
;
_entity_poly.pdbx_strand_id   A,B
#
# COMPACT_ATOMS: atom_id res chain seq x y z
N SER A 7 44.56 -15.65 35.03
CA SER A 7 43.51 -14.77 34.45
C SER A 7 42.13 -15.46 34.45
N GLU A 8 41.09 -14.69 34.15
CA GLU A 8 39.73 -15.19 34.06
C GLU A 8 39.03 -14.59 32.82
N THR A 9 39.81 -13.94 31.97
CA THR A 9 39.29 -13.27 30.77
C THR A 9 39.29 -14.19 29.54
N ALA A 10 40.00 -15.30 29.64
CA ALA A 10 40.09 -16.28 28.54
C ALA A 10 38.76 -17.02 28.33
N ASP A 11 38.01 -17.21 29.42
CA ASP A 11 36.72 -17.90 29.38
C ASP A 11 35.63 -17.05 28.71
N LEU A 12 35.85 -15.73 28.69
CA LEU A 12 34.92 -14.80 28.06
C LEU A 12 35.26 -14.60 26.59
N LYS A 13 36.56 -14.44 26.30
CA LYS A 13 37.06 -14.33 24.93
C LYS A 13 36.75 -15.60 24.13
N SER A 14 36.65 -16.72 24.85
CA SER A 14 36.25 -18.01 24.29
C SER A 14 34.75 -18.02 23.97
N LEU A 15 33.94 -17.59 24.93
CA LEU A 15 32.49 -17.47 24.77
C LEU A 15 32.12 -16.51 23.63
N ALA A 16 32.93 -15.48 23.43
CA ALA A 16 32.74 -14.51 22.34
C ALA A 16 32.89 -15.18 20.98
N LYS A 17 34.00 -15.91 20.82
CA LYS A 17 34.30 -16.63 19.58
C LYS A 17 33.23 -17.67 19.24
N ARG A 18 32.77 -18.38 20.28
CA ARG A 18 31.75 -19.41 20.16
C ARG A 18 30.41 -18.85 19.67
N ILE A 19 30.03 -17.69 20.20
CA ILE A 19 28.80 -17.01 19.77
C ILE A 19 28.98 -16.50 18.34
N TYR A 20 30.15 -15.93 18.06
CA TYR A 20 30.50 -15.45 16.72
C TYR A 20 30.46 -16.59 15.69
N GLU A 21 30.99 -17.74 16.07
CA GLU A 21 30.94 -18.93 15.19
C GLU A 21 29.51 -19.41 14.89
N ALA A 22 28.65 -19.38 15.91
CA ALA A 22 27.23 -19.72 15.76
C ALA A 22 26.49 -18.75 14.83
N TYR A 23 26.93 -17.50 14.83
CA TYR A 23 26.36 -16.45 13.99
C TYR A 23 26.81 -16.63 12.54
N LEU A 24 28.08 -16.95 12.35
CA LEU A 24 28.63 -17.22 11.01
C LEU A 24 28.01 -18.45 10.39
N LYS A 25 27.76 -19.48 11.20
CA LYS A 25 27.13 -20.72 10.76
C LYS A 25 25.66 -20.53 10.38
N ASN A 26 24.96 -19.67 11.11
CA ASN A 26 23.51 -19.63 11.04
C ASN A 26 22.87 -18.58 10.15
N PHE A 27 23.56 -17.47 9.90
CA PHE A 27 23.01 -16.41 9.06
C PHE A 27 23.68 -16.36 7.69
N ASN A 28 22.89 -16.63 6.65
CA ASN A 28 23.36 -16.57 5.27
C ASN A 28 24.00 -15.22 4.92
N MET A 29 23.34 -14.14 5.31
CA MET A 29 23.84 -12.81 5.04
C MET A 29 24.44 -12.27 6.33
N ASN A 30 25.59 -11.62 6.23
CA ASN A 30 26.18 -10.91 7.38
C ASN A 30 26.81 -9.60 6.92
N LYS A 31 27.46 -8.88 7.83
CA LYS A 31 27.96 -7.55 7.46
C LYS A 31 29.07 -7.57 6.41
N VAL A 32 30.06 -8.47 6.59
CA VAL A 32 31.18 -8.52 5.65
CA VAL A 32 31.18 -8.55 5.64
C VAL A 32 30.68 -8.85 4.23
N LYS A 33 29.78 -9.82 4.12
CA LYS A 33 29.18 -10.20 2.84
CA LYS A 33 29.18 -10.20 2.83
C LYS A 33 28.41 -9.02 2.22
N ALA A 34 27.62 -8.35 3.05
CA ALA A 34 26.80 -7.22 2.60
C ALA A 34 27.66 -6.05 2.11
N ARG A 35 28.74 -5.77 2.85
CA ARG A 35 29.59 -4.64 2.49
CA ARG A 35 29.66 -4.67 2.53
C ARG A 35 30.45 -4.94 1.25
N VAL A 36 30.80 -6.20 1.03
CA VAL A 36 31.46 -6.62 -0.21
C VAL A 36 30.56 -6.36 -1.42
N ILE A 37 29.29 -6.74 -1.29
CA ILE A 37 28.30 -6.50 -2.34
C ILE A 37 28.06 -5.01 -2.54
N LEU A 38 27.77 -4.30 -1.45
CA LEU A 38 27.45 -2.86 -1.52
C LEU A 38 28.62 -2.00 -2.03
N SER A 39 29.85 -2.37 -1.71
CA SER A 39 31.04 -1.63 -2.14
C SER A 39 31.52 -1.99 -3.55
N GLY A 40 30.90 -3.01 -4.16
CA GLY A 40 31.22 -3.41 -5.52
C GLY A 40 32.42 -4.34 -5.67
N LYS A 41 32.71 -5.10 -4.61
CA LYS A 41 33.86 -6.02 -4.62
C LYS A 41 33.42 -7.48 -4.75
N ALA A 42 32.21 -7.70 -5.25
CA ALA A 42 31.65 -9.04 -5.41
C ALA A 42 32.32 -9.81 -6.54
N SER A 43 32.26 -11.13 -6.47
CA SER A 43 32.89 -12.03 -7.43
C SER A 43 32.36 -11.86 -8.87
N ASN A 44 31.07 -11.53 -8.99
CA ASN A 44 30.39 -11.52 -10.29
C ASN A 44 29.83 -10.16 -10.73
N ASN A 45 28.56 -9.92 -10.42
CA ASN A 45 27.83 -8.75 -10.94
C ASN A 45 27.27 -7.88 -9.81
N PRO A 46 27.14 -6.57 -10.05
CA PRO A 46 26.47 -5.67 -9.08
C PRO A 46 24.98 -6.02 -8.93
N PRO A 47 24.35 -5.67 -7.78
CA PRO A 47 22.96 -6.07 -7.61
C PRO A 47 22.02 -5.37 -8.59
N PHE A 48 20.92 -6.04 -8.92
CA PHE A 48 19.90 -5.46 -9.78
C PHE A 48 19.12 -4.40 -8.97
N VAL A 49 19.08 -3.18 -9.48
CA VAL A 49 18.46 -2.06 -8.77
C VAL A 49 16.95 -1.93 -9.01
N ILE A 50 16.18 -2.08 -7.94
CA ILE A 50 14.72 -1.89 -7.97
C ILE A 50 14.38 -0.46 -7.55
N HIS A 51 14.03 0.37 -8.52
CA HIS A 51 13.82 1.81 -8.29
C HIS A 51 12.51 2.36 -8.85
N ASP A 52 11.73 1.48 -9.51
CA ASP A 52 10.43 1.82 -10.06
C ASP A 52 9.59 0.56 -10.27
N MET A 53 8.36 0.74 -10.73
CA MET A 53 7.45 -0.37 -10.97
C MET A 53 7.95 -1.38 -12.01
N GLU A 54 8.64 -0.88 -13.04
CA GLU A 54 9.18 -1.75 -14.09
C GLU A 54 10.29 -2.66 -13.56
N THR A 55 11.27 -2.09 -12.87
CA THR A 55 12.34 -2.87 -12.25
C THR A 55 11.83 -3.84 -11.18
N LEU A 56 10.81 -3.44 -10.42
CA LEU A 56 10.18 -4.33 -9.46
C LEU A 56 9.66 -5.60 -10.15
N CYS A 57 8.87 -5.40 -11.20
CA CYS A 57 8.34 -6.54 -11.99
C CYS A 57 9.45 -7.43 -12.53
N MET A 58 10.49 -6.82 -13.11
CA MET A 58 11.67 -7.56 -13.58
CA MET A 58 11.66 -7.58 -13.57
C MET A 58 12.25 -8.44 -12.46
N ALA A 59 12.52 -7.82 -11.31
CA ALA A 59 13.06 -8.54 -10.14
C ALA A 59 12.15 -9.68 -9.66
N GLU A 60 10.84 -9.44 -9.70
CA GLU A 60 9.87 -10.44 -9.27
C GLU A 60 9.93 -11.70 -10.12
N LYS A 61 10.04 -11.53 -11.43
CA LYS A 61 10.13 -12.66 -12.37
C LYS A 61 11.50 -13.36 -12.28
N THR A 62 12.55 -12.55 -12.11
CA THR A 62 13.92 -13.04 -12.30
C THR A 62 14.68 -13.48 -11.05
N LEU A 63 14.47 -12.79 -9.92
CA LEU A 63 15.32 -12.98 -8.74
C LEU A 63 14.70 -13.80 -7.61
N VAL A 64 13.37 -13.75 -7.49
CA VAL A 64 12.66 -14.50 -6.44
C VAL A 64 11.60 -15.45 -7.03
N ALA A 65 11.24 -16.49 -6.27
CA ALA A 65 10.28 -17.53 -6.74
C ALA A 65 8.90 -16.98 -7.02
N ILE A 72 -0.20 -14.11 -6.09
CA ILE A 72 0.75 -13.14 -5.54
C ILE A 72 1.03 -12.00 -6.52
N GLN A 73 1.49 -12.34 -7.73
CA GLN A 73 1.85 -11.36 -8.76
C GLN A 73 0.65 -10.50 -9.22
N ASN A 74 -0.55 -10.99 -8.92
CA ASN A 74 -1.81 -10.36 -9.27
C ASN A 74 -2.11 -9.09 -8.45
N LYS A 75 -1.56 -9.04 -7.24
CA LYS A 75 -1.88 -7.99 -6.27
C LYS A 75 -1.19 -6.66 -6.60
N GLU A 76 -1.67 -5.60 -5.95
CA GLU A 76 -1.06 -4.27 -5.98
C GLU A 76 0.42 -4.33 -5.57
N ALA A 77 1.25 -3.49 -6.17
CA ALA A 77 2.70 -3.47 -5.93
C ALA A 77 3.07 -3.47 -4.46
N GLU A 78 2.42 -2.60 -3.69
CA GLU A 78 2.64 -2.45 -2.25
C GLU A 78 2.44 -3.75 -1.48
N VAL A 79 1.41 -4.52 -1.86
CA VAL A 79 1.09 -5.80 -1.23
C VAL A 79 2.12 -6.86 -1.62
N ARG A 80 2.51 -6.87 -2.88
CA ARG A 80 3.54 -7.80 -3.37
C ARG A 80 4.87 -7.62 -2.63
N ILE A 81 5.29 -6.37 -2.42
CA ILE A 81 6.50 -6.06 -1.64
C ILE A 81 6.34 -6.56 -0.20
N PHE A 82 5.20 -6.22 0.41
CA PHE A 82 4.84 -6.64 1.76
C PHE A 82 5.02 -8.16 1.95
N HIS A 83 4.50 -8.94 1.00
CA HIS A 83 4.61 -10.41 1.02
CA HIS A 83 4.62 -10.39 1.09
C HIS A 83 6.07 -10.87 0.94
N CYS A 84 6.82 -10.23 0.03
CA CYS A 84 8.26 -10.50 -0.12
C CYS A 84 9.02 -10.24 1.18
N CYS A 85 8.66 -9.16 1.88
CA CYS A 85 9.31 -8.82 3.14
C CYS A 85 9.04 -9.87 4.20
N GLN A 86 7.79 -10.36 4.25
CA GLN A 86 7.42 -11.45 5.15
C GLN A 86 8.17 -12.76 4.86
N CYS A 87 8.44 -13.03 3.59
CA CYS A 87 9.25 -14.20 3.22
C CYS A 87 10.65 -14.10 3.82
N THR A 88 11.21 -12.90 3.80
CA THR A 88 12.53 -12.64 4.36
C THR A 88 12.55 -12.75 5.88
N SER A 89 11.57 -12.15 6.55
CA SER A 89 11.57 -12.20 8.01
C SER A 89 11.29 -13.60 8.57
N VAL A 90 10.46 -14.38 7.88
CA VAL A 90 10.24 -15.79 8.27
C VAL A 90 11.54 -16.58 8.19
N GLU A 91 12.29 -16.40 7.11
CA GLU A 91 13.65 -16.96 6.98
C GLU A 91 14.56 -16.55 8.15
N THR A 92 14.53 -15.27 8.53
CA THR A 92 15.43 -14.76 9.57
C THR A 92 15.04 -15.23 10.98
N VAL A 93 13.74 -15.40 11.20
CA VAL A 93 13.22 -15.94 12.46
C VAL A 93 13.75 -17.36 12.68
N THR A 94 13.74 -18.16 11.60
CA THR A 94 14.30 -19.51 11.63
C THR A 94 15.80 -19.49 11.96
N GLU A 95 16.56 -18.64 11.27
CA GLU A 95 17.99 -18.52 11.53
C GLU A 95 18.29 -18.10 12.97
N LEU A 96 17.52 -17.14 13.48
CA LEU A 96 17.67 -16.64 14.84
C LEU A 96 17.41 -17.71 15.89
N THR A 97 16.39 -18.53 15.65
CA THR A 97 16.04 -19.63 16.53
C THR A 97 17.19 -20.61 16.68
N GLU A 98 17.81 -20.98 15.55
CA GLU A 98 18.95 -21.87 15.51
C GLU A 98 20.17 -21.26 16.19
N PHE A 99 20.36 -19.96 15.96
CA PHE A 99 21.43 -19.19 16.61
C PHE A 99 21.25 -19.19 18.13
N ALA A 100 20.03 -18.94 18.59
CA ALA A 100 19.73 -18.94 20.02
C ALA A 100 20.08 -20.28 20.66
N LYS A 101 19.68 -21.39 20.03
CA LYS A 101 19.98 -22.74 20.53
C LYS A 101 21.47 -22.94 20.69
N ALA A 102 22.25 -22.28 19.83
CA ALA A 102 23.70 -22.38 19.85
C ALA A 102 24.38 -21.42 20.84
N ILE A 103 23.59 -20.58 21.50
CA ILE A 103 24.12 -19.71 22.56
C ILE A 103 24.25 -20.53 23.85
N PRO A 104 25.50 -20.72 24.34
CA PRO A 104 25.73 -21.53 25.55
C PRO A 104 24.81 -21.15 26.71
N GLY A 105 24.02 -22.11 27.18
CA GLY A 105 23.11 -21.89 28.30
C GLY A 105 21.65 -21.64 27.93
N PHE A 106 21.39 -21.23 26.68
CA PHE A 106 20.03 -20.90 26.24
C PHE A 106 19.13 -22.13 26.28
N ALA A 107 19.69 -23.27 25.90
CA ALA A 107 18.93 -24.52 25.82
C ALA A 107 18.54 -25.03 27.20
N ASN A 108 19.23 -24.58 28.24
CA ASN A 108 18.94 -24.98 29.62
C ASN A 108 17.79 -24.22 30.26
N LEU A 109 17.31 -23.18 29.58
CA LEU A 109 16.21 -22.38 30.09
C LEU A 109 14.89 -23.14 30.05
N ASP A 110 13.94 -22.67 30.87
CA ASP A 110 12.57 -23.15 30.86
C ASP A 110 12.05 -23.08 29.42
N LEU A 111 11.39 -24.15 28.97
CA LEU A 111 10.92 -24.27 27.59
C LEU A 111 10.08 -23.08 27.13
N ASN A 112 9.21 -22.59 28.01
CA ASN A 112 8.34 -21.46 27.69
C ASN A 112 9.08 -20.14 27.65
N ASP A 113 10.08 -20.00 28.51
CA ASP A 113 10.93 -18.82 28.53
C ASP A 113 11.74 -18.70 27.23
N GLN A 114 12.23 -19.83 26.72
CA GLN A 114 12.90 -19.89 25.42
C GLN A 114 12.01 -19.31 24.31
N VAL A 115 10.75 -19.72 24.30
CA VAL A 115 9.75 -19.24 23.34
C VAL A 115 9.49 -17.75 23.52
N THR A 116 9.30 -17.33 24.77
CA THR A 116 9.03 -15.94 25.10
C THR A 116 10.19 -15.02 24.71
N LEU A 117 11.41 -15.50 24.93
CA LEU A 117 12.62 -14.73 24.60
C LEU A 117 12.69 -14.47 23.10
N LEU A 118 12.45 -15.51 22.30
CA LEU A 118 12.44 -15.39 20.86
C LEU A 118 11.25 -14.59 20.34
N LYS A 119 10.06 -14.86 20.86
CA LYS A 119 8.87 -14.07 20.52
C LYS A 119 9.15 -12.57 20.60
N TYR A 120 9.68 -12.13 21.74
CA TYR A 120 9.94 -10.71 21.97
C TYR A 120 11.30 -10.23 21.47
N GLY A 121 12.18 -11.16 21.14
CA GLY A 121 13.52 -10.79 20.71
C GLY A 121 13.72 -10.70 19.21
N VAL A 122 12.97 -11.48 18.43
CA VAL A 122 13.32 -11.67 17.01
C VAL A 122 13.34 -10.38 16.17
N TYR A 123 12.29 -9.56 16.28
CA TYR A 123 12.21 -8.33 15.50
C TYR A 123 13.28 -7.30 15.85
N GLU A 124 13.63 -7.21 17.14
CA GLU A 124 14.76 -6.38 17.56
C GLU A 124 16.04 -6.87 16.89
N ALA A 125 16.25 -8.19 16.92
CA ALA A 125 17.38 -8.81 16.23
C ALA A 125 17.32 -8.59 14.71
N ILE A 126 16.13 -8.72 14.13
CA ILE A 126 15.93 -8.56 12.68
C ILE A 126 16.38 -7.17 12.22
N PHE A 127 15.91 -6.12 12.91
CA PHE A 127 16.21 -4.75 12.50
C PHE A 127 17.64 -4.32 12.82
N ALA A 128 18.21 -4.90 13.86
CA ALA A 128 19.64 -4.73 14.16
C ALA A 128 20.50 -5.28 13.01
N MET A 129 20.20 -6.51 12.61
CA MET A 129 20.95 -7.16 11.54
C MET A 129 20.62 -6.63 10.15
N LEU A 130 19.38 -6.16 9.97
CA LEU A 130 18.99 -5.56 8.68
C LEU A 130 19.85 -4.34 8.35
N SER A 131 20.23 -3.56 9.37
CA SER A 131 21.16 -2.43 9.18
C SER A 131 22.39 -2.78 8.33
N SER A 132 22.89 -4.01 8.49
CA SER A 132 24.06 -4.49 7.72
C SER A 132 23.90 -4.45 6.20
N VAL A 133 22.66 -4.56 5.73
CA VAL A 133 22.40 -4.60 4.29
C VAL A 133 21.81 -3.28 3.79
N MET A 134 21.81 -2.27 4.65
CA MET A 134 21.24 -0.96 4.32
C MET A 134 22.32 0.10 4.21
N ASN A 135 22.19 0.96 3.21
CA ASN A 135 22.91 2.23 3.15
C ASN A 135 21.90 3.38 2.95
N LYS A 136 22.39 4.61 2.77
CA LYS A 136 21.50 5.77 2.68
C LYS A 136 20.62 5.74 1.43
N ASP A 137 21.04 4.96 0.42
CA ASP A 137 20.36 4.87 -0.87
C ASP A 137 19.33 3.74 -1.00
N GLY A 138 19.43 2.73 -0.14
CA GLY A 138 18.52 1.61 -0.18
C GLY A 138 19.08 0.39 0.55
N MET A 139 18.61 -0.79 0.14
CA MET A 139 18.99 -2.04 0.82
C MET A 139 19.03 -3.25 -0.08
N LEU A 140 19.86 -4.22 0.31
CA LEU A 140 19.96 -5.50 -0.40
C LEU A 140 18.73 -6.32 -0.14
N VAL A 141 18.28 -7.01 -1.18
CA VAL A 141 17.14 -7.92 -1.12
C VAL A 141 17.52 -9.13 -1.96
N ALA A 142 16.67 -10.15 -1.95
CA ALA A 142 16.81 -11.32 -2.84
C ALA A 142 18.17 -11.97 -2.73
N TYR A 143 18.55 -12.30 -1.49
CA TYR A 143 19.78 -13.03 -1.17
C TYR A 143 21.05 -12.26 -1.53
N GLY A 144 20.93 -10.93 -1.61
CA GLY A 144 22.05 -10.07 -2.00
C GLY A 144 22.13 -9.77 -3.49
N ASN A 145 21.21 -10.33 -4.27
CA ASN A 145 21.21 -10.16 -5.72
C ASN A 145 20.41 -8.96 -6.21
N GLY A 146 19.68 -8.32 -5.30
CA GLY A 146 18.87 -7.15 -5.62
C GLY A 146 19.16 -6.00 -4.68
N PHE A 147 18.79 -4.80 -5.12
CA PHE A 147 18.93 -3.58 -4.31
C PHE A 147 17.70 -2.72 -4.53
N ILE A 148 16.87 -2.59 -3.51
CA ILE A 148 15.69 -1.74 -3.60
C ILE A 148 15.99 -0.37 -3.03
N THR A 149 15.65 0.68 -3.79
CA THR A 149 16.01 2.04 -3.37
C THR A 149 15.08 2.54 -2.27
N ARG A 150 15.68 3.34 -1.38
CA ARG A 150 14.98 4.01 -0.29
C ARG A 150 13.86 4.92 -0.82
N GLU A 151 14.16 5.64 -1.90
CA GLU A 151 13.21 6.60 -2.48
C GLU A 151 12.04 5.89 -3.18
N PHE A 152 12.31 4.75 -3.82
CA PHE A 152 11.22 3.92 -4.35
C PHE A 152 10.23 3.52 -3.27
N LEU A 153 10.73 3.03 -2.13
CA LEU A 153 9.86 2.67 -1.03
C LEU A 153 9.05 3.86 -0.51
N LYS A 154 9.69 5.03 -0.47
CA LYS A 154 9.04 6.27 -0.05
C LYS A 154 7.99 6.79 -1.03
N SER A 155 8.07 6.33 -2.28
CA SER A 155 7.15 6.74 -3.35
C SER A 155 5.88 5.90 -3.41
N LEU A 156 5.80 4.88 -2.55
CA LEU A 156 4.64 4.00 -2.49
C LEU A 156 3.48 4.74 -1.83
N ARG A 157 2.27 4.20 -1.93
CA ARG A 157 1.13 4.85 -1.28
C ARG A 157 1.10 4.54 0.22
N LYS A 158 0.49 5.46 0.97
CA LYS A 158 0.30 5.28 2.40
C LYS A 158 -0.60 4.06 2.65
N PRO A 159 -0.36 3.31 3.75
CA PRO A 159 0.69 3.49 4.76
C PRO A 159 2.01 2.79 4.43
N PHE A 160 2.12 2.21 3.24
CA PHE A 160 3.27 1.38 2.88
C PHE A 160 4.59 2.16 2.79
N CYS A 161 4.48 3.44 2.39
CA CYS A 161 5.65 4.32 2.29
C CYS A 161 6.23 4.75 3.64
N ASP A 162 5.50 4.47 4.72
CA ASP A 162 5.91 4.88 6.06
C ASP A 162 6.65 3.78 6.83
N ILE A 163 6.59 2.55 6.32
CA ILE A 163 7.05 1.37 7.05
C ILE A 163 8.58 1.31 7.21
N MET A 164 9.29 1.34 6.10
CA MET A 164 10.74 1.13 6.10
C MET A 164 11.56 2.37 6.47
N GLU A 165 10.99 3.56 6.26
CA GLU A 165 11.78 4.79 6.49
C GLU A 165 12.39 4.91 7.89
N PRO A 166 11.58 4.65 8.94
CA PRO A 166 12.13 4.60 10.32
C PRO A 166 13.23 3.55 10.51
N LYS A 167 13.22 2.49 9.71
CA LYS A 167 14.28 1.47 9.78
C LYS A 167 15.56 2.00 9.18
N PHE A 168 15.44 2.74 8.06
CA PHE A 168 16.57 3.48 7.49
C PHE A 168 17.12 4.52 8.46
N ASP A 169 16.24 5.24 9.15
CA ASP A 169 16.70 6.23 10.13
C ASP A 169 17.54 5.58 11.24
N PHE A 170 17.06 4.44 11.76
CA PHE A 170 17.79 3.65 12.76
C PHE A 170 19.12 3.12 12.22
N ALA A 171 19.06 2.51 11.03
CA ALA A 171 20.23 1.88 10.40
C ALA A 171 21.38 2.85 10.19
N MET A 172 21.08 4.09 9.79
CA MET A 172 22.13 5.06 9.51
C MET A 172 22.91 5.38 10.77
N LYS A 173 22.19 5.58 11.87
CA LYS A 173 22.78 5.79 13.18
C LYS A 173 23.51 4.54 13.69
N PHE A 174 22.88 3.39 13.55
CA PHE A 174 23.51 2.13 13.92
C PHE A 174 24.78 1.87 13.13
N ASN A 175 24.75 2.15 11.82
CA ASN A 175 25.92 1.90 10.96
C ASN A 175 27.08 2.85 11.19
N ALA A 176 26.77 4.04 11.73
CA ALA A 176 27.80 5.01 12.13
C ALA A 176 28.72 4.45 13.23
N LEU A 177 28.25 3.44 13.94
CA LEU A 177 29.05 2.82 15.00
C LEU A 177 30.12 1.89 14.46
N GLU A 178 30.01 1.55 13.18
CA GLU A 178 30.97 0.70 12.46
C GLU A 178 31.32 -0.60 13.21
N LEU A 179 30.28 -1.30 13.65
CA LEU A 179 30.44 -2.63 14.22
C LEU A 179 30.76 -3.64 13.12
N ASP A 180 31.50 -4.69 13.48
CA ASP A 180 31.69 -5.82 12.58
C ASP A 180 30.83 -6.99 13.07
N ASP A 181 30.87 -8.11 12.34
CA ASP A 181 30.07 -9.29 12.68
C ASP A 181 30.38 -9.88 14.06
N SER A 182 31.64 -9.83 14.46
CA SER A 182 32.02 -10.26 15.81
C SER A 182 31.28 -9.44 16.89
N ASP A 183 31.09 -8.14 16.64
CA ASP A 183 30.34 -7.27 17.56
C ASP A 183 28.85 -7.55 17.52
N ILE A 184 28.31 -7.63 16.30
CA ILE A 184 26.88 -7.83 16.08
C ILE A 184 26.41 -9.17 16.64
N SER A 185 27.23 -10.20 16.53
CA SER A 185 26.87 -11.53 17.03
C SER A 185 26.56 -11.47 18.53
N LEU A 186 27.39 -10.74 19.27
CA LEU A 186 27.21 -10.56 20.71
C LEU A 186 26.04 -9.65 21.06
N PHE A 187 25.84 -8.60 20.27
CA PHE A 187 24.71 -7.69 20.44
C PHE A 187 23.36 -8.42 20.28
N VAL A 188 23.27 -9.23 19.23
CA VAL A 188 22.09 -10.07 18.98
C VAL A 188 21.88 -11.09 20.11
N ALA A 189 22.96 -11.71 20.60
CA ALA A 189 22.89 -12.61 21.76
C ALA A 189 22.31 -11.88 22.98
N ALA A 190 22.75 -10.63 23.18
CA ALA A 190 22.27 -9.80 24.29
C ALA A 190 20.81 -9.42 24.13
N ILE A 191 20.38 -9.14 22.90
CA ILE A 191 18.97 -8.85 22.58
C ILE A 191 18.05 -10.00 22.98
N ILE A 192 18.44 -11.21 22.59
CA ILE A 192 17.63 -12.41 22.82
C ILE A 192 17.52 -12.78 24.31
N CYS A 193 18.66 -12.76 25.00
CA CYS A 193 18.74 -13.20 26.40
C CYS A 193 18.51 -12.00 27.30
N CYS A 194 17.25 -11.57 27.34
CA CYS A 194 16.86 -10.30 27.93
C CYS A 194 15.81 -10.53 29.04
N GLY A 195 16.14 -10.13 30.27
CA GLY A 195 15.28 -10.38 31.43
C GLY A 195 14.04 -9.51 31.55
N ASP A 196 13.93 -8.51 30.68
CA ASP A 196 12.85 -7.51 30.71
C ASP A 196 11.52 -8.01 30.13
N ARG A 197 11.56 -9.13 29.41
CA ARG A 197 10.40 -9.56 28.62
C ARG A 197 9.23 -9.96 29.51
N PRO A 198 7.99 -9.71 29.04
CA PRO A 198 6.81 -10.09 29.84
C PRO A 198 6.51 -11.58 29.74
N GLY A 199 5.88 -12.13 30.77
CA GLY A 199 5.51 -13.53 30.81
C GLY A 199 6.66 -14.49 31.07
N LEU A 200 7.77 -13.97 31.58
CA LEU A 200 8.93 -14.82 31.93
C LEU A 200 8.75 -15.52 33.28
N LEU A 201 8.95 -16.84 33.27
CA LEU A 201 8.83 -17.67 34.47
C LEU A 201 10.07 -17.61 35.35
N ASN A 202 11.25 -17.85 34.78
CA ASN A 202 12.49 -17.77 35.56
C ASN A 202 13.38 -16.61 35.11
N VAL A 203 13.09 -15.44 35.67
CA VAL A 203 13.82 -14.22 35.33
C VAL A 203 15.26 -14.26 35.84
N GLY A 204 15.44 -14.82 37.05
CA GLY A 204 16.76 -14.96 37.66
C GLY A 204 17.77 -15.67 36.77
N HIS A 205 17.40 -16.84 36.28
CA HIS A 205 18.22 -17.64 35.36
C HIS A 205 18.59 -16.85 34.09
N ILE A 206 17.62 -16.11 33.54
CA ILE A 206 17.86 -15.29 32.34
C ILE A 206 18.75 -14.08 32.63
N GLU A 207 18.52 -13.43 33.76
CA GLU A 207 19.34 -12.30 34.20
C GLU A 207 20.81 -12.68 34.32
N LYS A 208 21.08 -13.86 34.86
CA LYS A 208 22.44 -14.36 35.03
C LYS A 208 23.08 -14.66 33.68
N MET A 209 22.34 -15.35 32.83
CA MET A 209 22.74 -15.56 31.45
C MET A 209 23.07 -14.24 30.72
N GLN A 210 22.18 -13.25 30.86
CA GLN A 210 22.37 -11.92 30.28
C GLN A 210 23.61 -11.21 30.79
N GLU A 211 23.80 -11.26 32.12
CA GLU A 211 25.00 -10.75 32.78
C GLU A 211 26.29 -11.24 32.11
N GLY A 212 26.36 -12.54 31.82
CA GLY A 212 27.51 -13.12 31.14
C GLY A 212 27.73 -12.58 29.73
N ILE A 213 26.65 -12.51 28.95
CA ILE A 213 26.69 -12.05 27.57
C ILE A 213 27.08 -10.57 27.47
N VAL A 214 26.48 -9.74 28.32
CA VAL A 214 26.74 -8.30 28.35
C VAL A 214 28.19 -8.00 28.82
N HIS A 215 28.71 -8.84 29.71
CA HIS A 215 30.11 -8.74 30.16
C HIS A 215 31.09 -9.05 29.03
N VAL A 216 30.92 -10.17 28.34
CA VAL A 216 31.75 -10.48 27.18
C VAL A 216 31.61 -9.41 26.08
N LEU A 217 30.42 -8.85 25.94
CA LEU A 217 30.16 -7.84 24.92
C LEU A 217 30.97 -6.56 25.18
N ARG A 218 30.89 -6.06 26.41
CA ARG A 218 31.66 -4.88 26.82
C ARG A 218 33.16 -5.08 26.59
N LEU A 219 33.69 -6.21 27.08
CA LEU A 219 35.10 -6.53 26.94
C LEU A 219 35.54 -6.66 25.49
N HIS A 220 34.68 -7.27 24.67
CA HIS A 220 35.00 -7.47 23.26
C HIS A 220 35.06 -6.15 22.50
N LEU A 221 34.10 -5.27 22.80
CA LEU A 221 34.04 -3.93 22.20
C LEU A 221 35.24 -3.07 22.62
N GLN A 222 35.71 -3.29 23.85
CA GLN A 222 36.88 -2.58 24.33
CA GLN A 222 36.89 -2.63 24.39
C GLN A 222 38.17 -3.04 23.64
N SER A 223 38.29 -4.33 23.37
CA SER A 223 39.44 -4.87 22.64
CA SER A 223 39.44 -4.87 22.64
C SER A 223 39.36 -4.59 21.14
N ASN A 224 38.14 -4.63 20.58
CA ASN A 224 37.95 -4.49 19.14
C ASN A 224 37.83 -3.04 18.68
N HIS A 225 37.35 -2.18 19.57
CA HIS A 225 37.23 -0.75 19.27
C HIS A 225 37.90 0.10 20.36
N PRO A 226 39.24 -0.01 20.49
CA PRO A 226 39.96 0.84 21.45
C PRO A 226 39.87 2.33 21.14
N ASP A 227 39.59 2.68 19.88
CA ASP A 227 39.43 4.07 19.45
C ASP A 227 38.12 4.73 19.92
N ASP A 228 37.18 3.92 20.42
CA ASP A 228 36.01 4.45 21.13
C ASP A 228 35.65 3.58 22.33
N ILE A 229 36.16 3.96 23.48
CA ILE A 229 35.95 3.20 24.71
C ILE A 229 34.51 3.32 25.25
N PHE A 230 33.75 4.26 24.71
CA PHE A 230 32.33 4.42 25.12
C PHE A 230 31.34 3.87 24.08
N LEU A 231 31.78 2.90 23.29
CA LEU A 231 30.94 2.26 22.29
C LEU A 231 29.86 1.39 22.94
N PHE A 232 30.21 0.69 24.03
CA PHE A 232 29.27 -0.13 24.79
C PHE A 232 28.03 0.63 25.31
N PRO A 233 28.23 1.79 26.00
CA PRO A 233 27.12 2.70 26.36
C PRO A 233 26.29 3.15 25.15
N LYS A 234 26.95 3.47 24.05
CA LYS A 234 26.26 3.84 22.82
C LYS A 234 25.37 2.70 22.33
N LEU A 235 25.88 1.46 22.40
CA LEU A 235 25.10 0.29 21.97
C LEU A 235 23.90 0.03 22.86
N LEU A 236 24.05 0.26 24.17
CA LEU A 236 22.91 0.16 25.09
C LEU A 236 21.78 1.12 24.71
N GLN A 237 22.13 2.34 24.28
CA GLN A 237 21.13 3.28 23.77
C GLN A 237 20.41 2.72 22.54
N LYS A 238 21.18 2.15 21.61
CA LYS A 238 20.62 1.54 20.39
C LYS A 238 19.67 0.40 20.71
N MET A 239 19.96 -0.29 21.80
CA MET A 239 19.11 -1.35 22.31
C MET A 239 17.73 -0.80 22.72
N ALA A 240 17.72 0.35 23.38
CA ALA A 240 16.47 1.04 23.74
C ALA A 240 15.76 1.54 22.49
N ASP A 241 16.53 2.10 21.56
CA ASP A 241 16.00 2.57 20.28
C ASP A 241 15.30 1.44 19.50
N LEU A 242 15.90 0.25 19.54
CA LEU A 242 15.32 -0.95 18.90
C LEU A 242 13.98 -1.38 19.46
N ARG A 243 13.80 -1.28 20.78
CA ARG A 243 12.51 -1.65 21.40
C ARG A 243 11.38 -0.76 20.88
N GLN A 244 11.66 0.54 20.80
CA GLN A 244 10.69 1.54 20.34
C GLN A 244 10.38 1.34 18.85
N LEU A 245 11.43 1.10 18.06
CA LEU A 245 11.29 0.79 16.62
C LEU A 245 10.38 -0.42 16.39
N VAL A 246 10.53 -1.44 17.23
CA VAL A 246 9.73 -2.66 17.13
C VAL A 246 8.28 -2.41 17.56
N THR A 247 8.12 -1.69 18.67
CA THR A 247 6.80 -1.26 19.13
C THR A 247 6.04 -0.55 18.00
N GLU A 248 6.67 0.45 17.40
CA GLU A 248 6.15 1.18 16.24
C GLU A 248 5.83 0.26 15.05
N HIS A 249 6.75 -0.66 14.74
CA HIS A 249 6.54 -1.58 13.63
C HIS A 249 5.28 -2.42 13.80
N ALA A 250 5.07 -2.92 15.02
CA ALA A 250 3.90 -3.73 15.35
C ALA A 250 2.62 -2.94 15.10
N GLN A 251 2.61 -1.67 15.53
CA GLN A 251 1.48 -0.74 15.31
C GLN A 251 1.15 -0.57 13.83
N LEU A 252 2.19 -0.31 13.03
CA LEU A 252 2.06 -0.12 11.57
C LEU A 252 1.53 -1.35 10.85
N VAL A 253 2.03 -2.53 11.23
CA VAL A 253 1.56 -3.79 10.66
C VAL A 253 0.09 -4.04 10.99
N GLN A 254 -0.32 -3.64 12.19
CA GLN A 254 -1.72 -3.74 12.61
C GLN A 254 -2.65 -2.78 11.88
N ILE A 255 -2.15 -1.58 11.53
CA ILE A 255 -2.89 -0.64 10.69
C ILE A 255 -3.13 -1.23 9.29
N ILE A 256 -2.09 -1.85 8.73
CA ILE A 256 -2.21 -2.57 7.45
C ILE A 256 -3.27 -3.68 7.55
N LYS A 257 -3.30 -4.37 8.68
CA LYS A 257 -4.28 -5.44 8.92
C LYS A 257 -5.71 -4.93 9.08
N LYS A 258 -5.86 -3.72 9.61
CA LYS A 258 -7.18 -3.13 9.89
C LYS A 258 -7.72 -2.22 8.78
N THR A 259 -6.87 -1.89 7.80
CA THR A 259 -7.26 -0.96 6.74
C THR A 259 -7.01 -1.45 5.31
N GLU A 260 -6.25 -2.55 5.15
CA GLU A 260 -5.88 -3.06 3.83
C GLU A 260 -6.47 -4.44 3.55
N SER A 261 -7.25 -4.52 2.49
CA SER A 261 -8.05 -5.71 2.14
C SER A 261 -7.25 -6.89 1.59
N ASP A 262 -6.28 -6.62 0.72
CA ASP A 262 -5.55 -7.70 0.06
C ASP A 262 -4.22 -8.09 0.72
N ALA A 263 -3.88 -7.40 1.80
CA ALA A 263 -2.62 -7.64 2.52
C ALA A 263 -2.76 -8.68 3.63
N ALA A 264 -2.33 -9.90 3.35
CA ALA A 264 -2.36 -11.00 4.33
C ALA A 264 -1.06 -11.09 5.12
N LEU A 265 -1.15 -11.58 6.35
CA LEU A 265 0.00 -11.75 7.23
C LEU A 265 0.28 -13.23 7.50
N HIS A 266 1.50 -13.66 7.20
CA HIS A 266 1.98 -15.02 7.41
C HIS A 266 1.61 -15.50 8.83
N PRO A 267 1.08 -16.72 8.96
CA PRO A 267 0.60 -17.21 10.28
C PRO A 267 1.67 -17.29 11.37
N LEU A 268 2.93 -17.56 11.02
CA LEU A 268 4.01 -17.52 12.02
C LEU A 268 4.18 -16.11 12.58
N LEU A 269 4.12 -15.12 11.70
CA LEU A 269 4.25 -13.72 12.08
C LEU A 269 3.06 -13.21 12.88
N GLN A 270 1.85 -13.65 12.50
CA GLN A 270 0.64 -13.34 13.28
C GLN A 270 0.85 -13.75 14.74
N GLU A 271 1.34 -14.96 14.92
CA GLU A 271 1.64 -15.51 16.24
C GLU A 271 2.70 -14.71 17.02
N ILE A 272 3.77 -14.31 16.33
CA ILE A 272 4.81 -13.48 16.96
C ILE A 272 4.21 -12.15 17.47
N TYR A 273 3.45 -11.49 16.61
CA TYR A 273 2.80 -10.22 16.94
C TYR A 273 1.69 -10.32 17.98
N ARG A 274 1.14 -11.52 18.18
CA ARG A 274 -0.02 -11.73 19.05
C ARG A 274 0.27 -11.42 20.51
N ASP A 275 -0.54 -10.54 21.10
CA ASP A 275 -0.44 -10.20 22.52
C ASP A 275 0.98 -9.71 22.83
N MET A 276 1.35 -8.58 22.22
CA MET A 276 2.70 -8.02 22.36
C MET A 276 3.00 -7.48 23.76
N TYR A 277 2.25 -7.70 24.72
N SER B 2 -22.12 -25.43 -34.67
CA SER B 2 -21.89 -24.41 -35.74
C SER B 2 -20.43 -24.34 -36.18
N HIS B 3 -19.73 -23.33 -35.68
CA HIS B 3 -18.34 -23.06 -36.04
C HIS B 3 -17.56 -22.68 -34.78
N MET B 4 -16.27 -22.98 -34.78
CA MET B 4 -15.40 -22.49 -33.71
C MET B 4 -15.22 -20.97 -33.79
N GLU B 5 -14.94 -20.36 -32.64
CA GLU B 5 -14.68 -18.93 -32.55
C GLU B 5 -13.55 -18.52 -33.51
N ASP B 6 -13.81 -17.50 -34.32
CA ASP B 6 -12.78 -16.98 -35.22
C ASP B 6 -11.86 -15.97 -34.51
N SER B 7 -10.83 -15.51 -35.22
CA SER B 7 -9.86 -14.58 -34.64
C SER B 7 -10.43 -13.18 -34.39
N GLU B 8 -11.51 -12.83 -35.10
CA GLU B 8 -12.21 -11.56 -34.88
C GLU B 8 -12.81 -11.50 -33.47
N THR B 9 -13.55 -12.52 -33.05
CA THR B 9 -14.14 -12.47 -31.71
C THR B 9 -13.07 -12.67 -30.63
N ALA B 10 -12.01 -13.42 -30.97
CA ALA B 10 -10.88 -13.54 -30.07
C ALA B 10 -10.30 -12.15 -29.81
N ASP B 11 -10.18 -11.35 -30.87
CA ASP B 11 -9.69 -9.97 -30.77
C ASP B 11 -10.59 -9.07 -29.92
N LEU B 12 -11.90 -9.18 -30.12
CA LEU B 12 -12.87 -8.45 -29.30
C LEU B 12 -12.79 -8.85 -27.83
N LYS B 13 -12.73 -10.16 -27.59
CA LYS B 13 -12.56 -10.70 -26.24
C LYS B 13 -11.24 -10.26 -25.58
N SER B 14 -10.17 -10.24 -26.38
CA SER B 14 -8.86 -9.78 -25.93
CA SER B 14 -8.87 -9.78 -25.91
C SER B 14 -8.90 -8.32 -25.48
N LEU B 15 -9.54 -7.47 -26.29
CA LEU B 15 -9.71 -6.05 -25.97
C LEU B 15 -10.47 -5.85 -24.65
N ALA B 16 -11.57 -6.60 -24.46
CA ALA B 16 -12.39 -6.49 -23.25
C ALA B 16 -11.58 -6.85 -22.02
N LYS B 17 -10.79 -7.92 -22.15
CA LYS B 17 -9.91 -8.42 -21.11
C LYS B 17 -8.82 -7.41 -20.74
N ARG B 18 -8.17 -6.82 -21.74
CA ARG B 18 -7.12 -5.81 -21.54
C ARG B 18 -7.66 -4.58 -20.80
N ILE B 19 -8.80 -4.07 -21.25
CA ILE B 19 -9.48 -2.96 -20.58
C ILE B 19 -9.86 -3.29 -19.12
N TYR B 20 -10.46 -4.46 -18.91
CA TYR B 20 -10.78 -4.93 -17.56
C TYR B 20 -9.52 -4.98 -16.68
N GLU B 21 -8.42 -5.46 -17.25
CA GLU B 21 -7.13 -5.55 -16.56
C GLU B 21 -6.61 -4.17 -16.16
N ALA B 22 -6.69 -3.21 -17.09
CA ALA B 22 -6.33 -1.83 -16.86
C ALA B 22 -7.17 -1.19 -15.74
N TYR B 23 -8.44 -1.59 -15.65
CA TYR B 23 -9.34 -1.10 -14.64
C TYR B 23 -8.98 -1.62 -13.24
N LEU B 24 -8.70 -2.93 -13.15
CA LEU B 24 -8.33 -3.52 -11.86
C LEU B 24 -6.98 -3.00 -11.38
N LYS B 25 -6.08 -2.73 -12.32
CA LYS B 25 -4.74 -2.20 -12.02
C LYS B 25 -4.80 -0.76 -11.53
N ASN B 26 -5.72 0.02 -12.05
CA ASN B 26 -5.71 1.47 -11.81
C ASN B 26 -6.67 2.05 -10.76
N PHE B 27 -7.69 1.27 -10.39
CA PHE B 27 -8.64 1.68 -9.37
C PHE B 27 -8.55 0.77 -8.16
N ASN B 28 -7.98 1.30 -7.08
CA ASN B 28 -7.87 0.59 -5.80
C ASN B 28 -9.23 0.07 -5.35
N MET B 29 -10.24 0.94 -5.41
CA MET B 29 -11.61 0.58 -5.05
C MET B 29 -12.39 0.18 -6.29
N ASN B 30 -12.88 -1.06 -6.30
CA ASN B 30 -13.74 -1.53 -7.39
C ASN B 30 -15.01 -2.13 -6.80
N LYS B 31 -15.93 -2.59 -7.66
CA LYS B 31 -17.25 -3.02 -7.20
C LYS B 31 -17.22 -4.25 -6.28
N VAL B 32 -16.46 -5.29 -6.67
CA VAL B 32 -16.39 -6.49 -5.85
CA VAL B 32 -16.33 -6.51 -5.85
C VAL B 32 -15.91 -6.15 -4.44
N LYS B 33 -14.83 -5.38 -4.33
CA LYS B 33 -14.28 -4.95 -3.03
C LYS B 33 -15.28 -4.09 -2.23
N ALA B 34 -15.93 -3.17 -2.94
CA ALA B 34 -16.93 -2.30 -2.32
C ALA B 34 -18.09 -3.12 -1.75
N ARG B 35 -18.56 -4.10 -2.50
CA ARG B 35 -19.71 -4.92 -2.04
C ARG B 35 -19.37 -5.83 -0.85
N VAL B 36 -18.12 -6.30 -0.77
CA VAL B 36 -17.65 -7.05 0.41
C VAL B 36 -17.77 -6.20 1.69
N ILE B 37 -17.33 -4.95 1.63
CA ILE B 37 -17.43 -4.05 2.78
C ILE B 37 -18.89 -3.76 3.09
N LEU B 38 -19.65 -3.34 2.08
CA LEU B 38 -21.07 -2.97 2.25
C LEU B 38 -21.97 -4.11 2.74
N SER B 39 -21.61 -5.35 2.43
CA SER B 39 -22.37 -6.51 2.92
C SER B 39 -21.85 -7.05 4.26
N GLY B 40 -20.82 -6.41 4.80
CA GLY B 40 -20.23 -6.80 6.08
C GLY B 40 -19.49 -8.13 6.08
N LYS B 41 -18.87 -8.47 4.95
CA LYS B 41 -18.13 -9.73 4.80
C LYS B 41 -16.62 -9.50 4.73
N ALA B 42 -16.16 -8.34 5.18
CA ALA B 42 -14.77 -7.93 5.01
C ALA B 42 -13.82 -8.47 6.09
N ASN B 44 -10.66 -7.70 9.13
CA ASN B 44 -12.02 -7.21 9.36
C ASN B 44 -12.06 -6.04 10.34
N ASN B 45 -12.48 -4.89 9.82
CA ASN B 45 -12.74 -3.72 10.64
C ASN B 45 -13.88 -2.95 10.00
N PRO B 46 -15.01 -2.80 10.71
CA PRO B 46 -16.18 -2.14 10.12
C PRO B 46 -15.85 -0.68 9.81
N PRO B 47 -16.33 -0.17 8.66
CA PRO B 47 -16.05 1.23 8.34
C PRO B 47 -16.68 2.17 9.36
N PHE B 48 -15.99 3.27 9.64
CA PHE B 48 -16.48 4.27 10.55
C PHE B 48 -17.68 5.01 9.96
N VAL B 49 -18.82 4.93 10.62
CA VAL B 49 -20.05 5.58 10.13
C VAL B 49 -20.12 7.07 10.50
N ILE B 50 -20.19 7.90 9.47
CA ILE B 50 -20.39 9.35 9.62
C ILE B 50 -21.86 9.70 9.36
N HIS B 51 -22.57 10.11 10.42
CA HIS B 51 -24.01 10.33 10.33
C HIS B 51 -24.45 11.60 11.08
N ASP B 52 -23.52 12.28 11.72
CA ASP B 52 -23.81 13.53 12.41
C ASP B 52 -22.55 14.35 12.59
N MET B 53 -22.69 15.51 13.23
CA MET B 53 -21.57 16.43 13.39
C MET B 53 -20.45 15.86 14.27
N GLU B 54 -20.82 15.12 15.32
CA GLU B 54 -19.83 14.52 16.21
CA GLU B 54 -19.86 14.48 16.22
C GLU B 54 -19.02 13.43 15.51
N THR B 55 -19.69 12.51 14.79
CA THR B 55 -18.98 11.48 14.03
C THR B 55 -18.19 12.07 12.86
N LEU B 56 -18.64 13.20 12.31
CA LEU B 56 -17.86 13.89 11.27
C LEU B 56 -16.56 14.41 11.86
N CYS B 57 -16.65 15.08 13.00
CA CYS B 57 -15.45 15.56 13.69
C CYS B 57 -14.46 14.43 14.04
N MET B 58 -14.98 13.31 14.54
CA MET B 58 -14.15 12.14 14.86
CA MET B 58 -14.12 12.16 14.87
C MET B 58 -13.45 11.60 13.62
N ALA B 59 -14.23 11.41 12.54
CA ALA B 59 -13.67 10.90 11.29
C ALA B 59 -12.62 11.82 10.68
N GLU B 60 -12.80 13.13 10.82
CA GLU B 60 -11.78 14.07 10.35
C GLU B 60 -10.45 13.88 11.11
N LYS B 61 -10.56 13.48 12.37
CA LYS B 61 -9.37 13.24 13.20
C LYS B 61 -8.68 11.92 12.88
N THR B 62 -9.44 10.92 12.44
CA THR B 62 -8.89 9.57 12.24
C THR B 62 -8.70 9.14 10.78
N LEU B 63 -9.55 9.64 9.87
CA LEU B 63 -9.51 9.22 8.47
C LEU B 63 -8.87 10.24 7.51
N VAL B 64 -8.75 11.49 7.95
CA VAL B 64 -8.06 12.50 7.15
C VAL B 64 -6.82 13.06 7.88
N VAL B 68 -4.02 14.66 6.28
CA VAL B 68 -4.39 15.39 7.49
C VAL B 68 -4.55 16.89 7.21
N ALA B 69 -5.79 17.30 6.97
CA ALA B 69 -6.11 18.69 6.70
C ALA B 69 -6.26 19.52 7.99
N ASN B 70 -5.14 20.12 8.41
CA ASN B 70 -5.15 21.08 9.51
C ASN B 70 -5.50 22.49 9.03
N GLY B 71 -5.77 22.62 7.73
CA GLY B 71 -6.18 23.88 7.12
C GLY B 71 -7.68 24.11 7.07
N ILE B 72 -8.46 23.06 7.31
CA ILE B 72 -9.92 23.13 7.25
C ILE B 72 -10.59 23.06 8.62
N GLN B 73 -9.80 22.81 9.65
CA GLN B 73 -10.27 22.56 11.03
C GLN B 73 -11.39 23.51 11.52
N ASN B 74 -11.28 24.79 11.19
CA ASN B 74 -12.20 25.81 11.72
C ASN B 74 -13.28 26.26 10.75
N LYS B 75 -13.33 25.61 9.59
CA LYS B 75 -14.32 25.94 8.57
C LYS B 75 -15.66 25.29 8.90
N GLU B 76 -16.72 25.74 8.24
CA GLU B 76 -18.07 25.17 8.38
C GLU B 76 -18.05 23.71 7.90
N ALA B 77 -18.78 22.84 8.60
CA ALA B 77 -18.84 21.40 8.28
C ALA B 77 -19.09 21.13 6.79
N GLU B 78 -20.09 21.82 6.23
CA GLU B 78 -20.41 21.73 4.80
C GLU B 78 -19.20 21.94 3.91
N VAL B 79 -18.37 22.92 4.28
CA VAL B 79 -17.19 23.31 3.53
C VAL B 79 -16.05 22.31 3.73
N ARG B 80 -15.86 21.82 4.95
CA ARG B 80 -14.87 20.79 5.22
C ARG B 80 -15.13 19.54 4.38
N ILE B 81 -16.40 19.13 4.29
CA ILE B 81 -16.80 17.98 3.46
C ILE B 81 -16.51 18.22 1.97
N PHE B 82 -16.90 19.39 1.48
CA PHE B 82 -16.61 19.84 0.10
C PHE B 82 -15.13 19.65 -0.21
N HIS B 83 -14.27 20.06 0.73
CA HIS B 83 -12.81 19.94 0.60
CA HIS B 83 -12.84 19.93 0.52
C HIS B 83 -12.38 18.47 0.51
N CYS B 84 -12.94 17.64 1.37
CA CYS B 84 -12.64 16.21 1.39
C CYS B 84 -13.05 15.51 0.08
N CYS B 85 -14.23 15.87 -0.44
CA CYS B 85 -14.72 15.35 -1.72
C CYS B 85 -13.80 15.73 -2.88
N GLN B 86 -13.25 16.94 -2.86
CA GLN B 86 -12.33 17.37 -3.90
C GLN B 86 -11.03 16.57 -3.87
N CYS B 87 -10.56 16.23 -2.67
CA CYS B 87 -9.41 15.31 -2.55
C CYS B 87 -9.69 13.97 -3.24
N THR B 88 -10.84 13.37 -2.97
CA THR B 88 -11.23 12.11 -3.60
C THR B 88 -11.38 12.26 -5.13
N SER B 89 -12.11 13.28 -5.59
CA SER B 89 -12.25 13.47 -7.03
C SER B 89 -10.91 13.67 -7.75
N VAL B 90 -10.00 14.45 -7.17
CA VAL B 90 -8.68 14.66 -7.78
C VAL B 90 -7.91 13.32 -7.91
N GLU B 91 -8.00 12.48 -6.87
CA GLU B 91 -7.44 11.13 -6.92
C GLU B 91 -8.04 10.28 -8.07
N THR B 92 -9.37 10.29 -8.20
CA THR B 92 -10.02 9.50 -9.26
C THR B 92 -9.68 9.99 -10.68
N VAL B 93 -9.50 11.31 -10.83
CA VAL B 93 -9.10 11.91 -12.10
C VAL B 93 -7.70 11.42 -12.53
N THR B 94 -6.78 11.31 -11.57
CA THR B 94 -5.47 10.72 -11.79
C THR B 94 -5.54 9.24 -12.18
N GLU B 95 -6.38 8.48 -11.47
CA GLU B 95 -6.59 7.06 -11.78
C GLU B 95 -7.18 6.87 -13.17
N LEU B 96 -8.15 7.71 -13.53
CA LEU B 96 -8.79 7.67 -14.85
C LEU B 96 -7.83 7.98 -16.00
N THR B 97 -6.91 8.90 -15.76
CA THR B 97 -5.90 9.25 -16.75
C THR B 97 -4.98 8.05 -17.02
N GLU B 98 -4.50 7.41 -15.95
CA GLU B 98 -3.69 6.20 -16.08
CA GLU B 98 -3.70 6.18 -16.05
C GLU B 98 -4.49 5.06 -16.72
N PHE B 99 -5.75 4.91 -16.32
CA PHE B 99 -6.63 3.91 -16.95
C PHE B 99 -6.73 4.16 -18.46
N ALA B 100 -7.00 5.41 -18.84
CA ALA B 100 -7.14 5.80 -20.25
C ALA B 100 -5.89 5.52 -21.08
N LYS B 101 -4.72 5.84 -20.54
CA LYS B 101 -3.45 5.59 -21.24
C LYS B 101 -3.24 4.09 -21.50
N ALA B 102 -3.91 3.25 -20.72
CA ALA B 102 -3.87 1.79 -20.86
C ALA B 102 -4.98 1.21 -21.77
N ILE B 103 -5.89 2.05 -22.24
CA ILE B 103 -6.91 1.59 -23.20
C ILE B 103 -6.25 1.50 -24.58
N PRO B 104 -6.21 0.29 -25.17
CA PRO B 104 -5.50 0.14 -26.45
C PRO B 104 -6.03 1.12 -27.48
N GLY B 105 -5.12 1.86 -28.12
CA GLY B 105 -5.50 2.87 -29.09
C GLY B 105 -5.47 4.30 -28.55
N PHE B 106 -5.78 4.48 -27.26
CA PHE B 106 -5.87 5.84 -26.66
C PHE B 106 -4.55 6.62 -26.80
N ALA B 107 -3.43 5.94 -26.50
CA ALA B 107 -2.12 6.58 -26.58
C ALA B 107 -1.78 7.07 -27.99
N ASN B 108 -2.43 6.50 -29.00
CA ASN B 108 -2.19 6.88 -30.40
C ASN B 108 -2.97 8.09 -30.88
N LEU B 109 -3.93 8.53 -30.07
CA LEU B 109 -4.71 9.71 -30.39
C LEU B 109 -3.82 10.93 -30.26
N ASP B 110 -4.16 11.99 -30.99
CA ASP B 110 -3.49 13.26 -30.85
C ASP B 110 -3.44 13.64 -29.36
N LEU B 111 -2.29 14.15 -28.93
CA LEU B 111 -2.03 14.43 -27.51
C LEU B 111 -3.02 15.41 -26.89
N ASN B 112 -3.33 16.48 -27.61
CA ASN B 112 -4.33 17.45 -27.16
C ASN B 112 -5.74 16.85 -27.07
N ASP B 113 -6.05 15.93 -27.97
CA ASP B 113 -7.32 15.22 -27.92
C ASP B 113 -7.45 14.32 -26.71
N GLN B 114 -6.33 13.71 -26.29
CA GLN B 114 -6.31 12.89 -25.08
C GLN B 114 -6.75 13.70 -23.86
N VAL B 115 -6.16 14.90 -23.72
CA VAL B 115 -6.51 15.77 -22.61
CA VAL B 115 -6.50 15.84 -22.63
C VAL B 115 -7.96 16.29 -22.70
N THR B 116 -8.45 16.60 -23.91
CA THR B 116 -9.84 17.03 -24.11
C THR B 116 -10.85 15.93 -23.74
N LEU B 117 -10.56 14.70 -24.16
CA LEU B 117 -11.42 13.56 -23.82
C LEU B 117 -11.54 13.36 -22.31
N LEU B 118 -10.42 13.44 -21.61
CA LEU B 118 -10.43 13.30 -20.16
C LEU B 118 -11.13 14.48 -19.47
N LYS B 119 -10.92 15.68 -19.98
CA LYS B 119 -11.56 16.90 -19.46
C LYS B 119 -13.08 16.77 -19.39
N TYR B 120 -13.69 16.39 -20.51
CA TYR B 120 -15.14 16.26 -20.62
C TYR B 120 -15.65 14.89 -20.20
N GLY B 121 -14.76 13.92 -20.05
CA GLY B 121 -15.15 12.56 -19.70
C GLY B 121 -15.05 12.17 -18.23
N VAL B 122 -14.15 12.82 -17.48
CA VAL B 122 -13.88 12.39 -16.09
C VAL B 122 -15.08 12.37 -15.12
N TYR B 123 -15.88 13.41 -15.11
CA TYR B 123 -17.00 13.44 -14.15
C TYR B 123 -18.09 12.42 -14.47
N GLU B 124 -18.37 12.17 -15.75
CA GLU B 124 -19.32 11.10 -16.11
C GLU B 124 -18.78 9.76 -15.60
N ALA B 125 -17.49 9.51 -15.82
CA ALA B 125 -16.81 8.30 -15.31
C ALA B 125 -16.81 8.24 -13.78
N ILE B 126 -16.53 9.36 -13.13
CA ILE B 126 -16.55 9.42 -11.66
C ILE B 126 -17.91 9.01 -11.08
N PHE B 127 -18.99 9.55 -11.62
CA PHE B 127 -20.31 9.28 -11.06
C PHE B 127 -20.84 7.89 -11.43
N ALA B 128 -20.49 7.41 -12.63
CA ALA B 128 -20.71 6.00 -12.99
C ALA B 128 -20.08 5.06 -11.97
N MET B 129 -18.79 5.26 -11.71
CA MET B 129 -18.04 4.38 -10.80
C MET B 129 -18.42 4.57 -9.33
N LEU B 130 -18.76 5.80 -8.97
CA LEU B 130 -19.23 6.12 -7.61
C LEU B 130 -20.42 5.26 -7.19
N SER B 131 -21.24 4.84 -8.16
CA SER B 131 -22.36 3.96 -7.90
C SER B 131 -21.93 2.65 -7.22
N SER B 132 -20.72 2.17 -7.54
CA SER B 132 -20.17 0.93 -6.96
C SER B 132 -19.97 1.00 -5.44
N VAL B 133 -19.67 2.19 -4.92
CA VAL B 133 -19.46 2.38 -3.48
C VAL B 133 -20.69 2.92 -2.74
N MET B 134 -21.82 2.99 -3.44
CA MET B 134 -23.07 3.46 -2.84
C MET B 134 -24.10 2.36 -2.63
N ASN B 135 -24.84 2.45 -1.53
CA ASN B 135 -26.12 1.76 -1.39
C ASN B 135 -27.20 2.80 -1.04
N LYS B 136 -28.41 2.32 -0.74
CA LYS B 136 -29.55 3.21 -0.45
C LYS B 136 -29.37 4.06 0.82
N ASP B 137 -28.47 3.67 1.70
CA ASP B 137 -28.26 4.36 2.98
C ASP B 137 -27.03 5.27 3.04
N GLY B 138 -26.10 5.11 2.10
CA GLY B 138 -24.86 5.89 2.14
C GLY B 138 -23.79 5.37 1.22
N MET B 139 -22.59 5.90 1.38
CA MET B 139 -21.49 5.57 0.49
C MET B 139 -20.16 5.43 1.22
N LEU B 140 -19.30 4.56 0.70
CA LEU B 140 -17.96 4.40 1.25
C LEU B 140 -17.12 5.64 0.97
N VAL B 141 -16.37 6.07 1.98
CA VAL B 141 -15.40 7.15 1.83
C VAL B 141 -14.07 6.68 2.39
N ALA B 142 -13.03 7.49 2.22
CA ALA B 142 -11.71 7.22 2.83
C ALA B 142 -11.23 5.80 2.53
N TYR B 143 -11.26 5.46 1.24
CA TYR B 143 -10.74 4.17 0.74
C TYR B 143 -11.43 2.94 1.36
N GLY B 144 -12.73 3.05 1.59
CA GLY B 144 -13.48 1.96 2.23
C GLY B 144 -13.52 1.95 3.76
N ASN B 145 -12.70 2.79 4.40
CA ASN B 145 -12.58 2.81 5.88
C ASN B 145 -13.64 3.68 6.58
N GLY B 146 -14.42 4.40 5.78
CA GLY B 146 -15.49 5.25 6.30
C GLY B 146 -16.76 5.04 5.48
N PHE B 147 -17.89 5.44 6.07
CA PHE B 147 -19.21 5.36 5.43
C PHE B 147 -19.99 6.58 5.85
N ILE B 148 -20.32 7.44 4.90
CA ILE B 148 -21.09 8.64 5.19
C ILE B 148 -22.53 8.40 4.76
N THR B 149 -23.47 8.76 5.63
CA THR B 149 -24.86 8.40 5.36
C THR B 149 -25.53 9.39 4.42
N ARG B 150 -26.42 8.87 3.60
CA ARG B 150 -27.26 9.67 2.70
C ARG B 150 -28.12 10.68 3.48
N GLU B 151 -28.66 10.26 4.63
CA GLU B 151 -29.45 11.14 5.51
C GLU B 151 -28.63 12.33 6.03
N PHE B 152 -27.40 12.09 6.45
CA PHE B 152 -26.53 13.15 6.94
C PHE B 152 -26.28 14.20 5.85
N LEU B 153 -25.94 13.73 4.65
CA LEU B 153 -25.72 14.63 3.51
C LEU B 153 -26.95 15.51 3.19
N LYS B 154 -28.14 14.93 3.27
CA LYS B 154 -29.39 15.66 3.08
C LYS B 154 -29.70 16.69 4.20
N SER B 155 -29.10 16.49 5.37
CA SER B 155 -29.34 17.36 6.53
C SER B 155 -28.52 18.64 6.49
N LEU B 156 -27.54 18.72 5.59
CA LEU B 156 -26.72 19.92 5.48
C LEU B 156 -27.54 21.08 4.94
N ARG B 157 -27.04 22.30 5.14
CA ARG B 157 -27.75 23.46 4.62
C ARG B 157 -27.59 23.55 3.10
N LYS B 158 -28.52 24.26 2.46
CA LYS B 158 -28.43 24.60 1.05
C LYS B 158 -27.24 25.53 0.80
N PRO B 159 -26.52 25.37 -0.34
CA PRO B 159 -26.78 24.43 -1.43
C PRO B 159 -26.19 23.01 -1.26
N PHE B 160 -25.54 22.78 -0.13
CA PHE B 160 -24.73 21.58 0.04
C PHE B 160 -25.52 20.26 0.12
N CYS B 161 -26.73 20.31 0.69
CA CYS B 161 -27.59 19.13 0.75
C CYS B 161 -28.10 18.63 -0.61
N ASP B 162 -28.06 19.50 -1.62
CA ASP B 162 -28.62 19.20 -2.95
C ASP B 162 -27.62 18.53 -3.90
N ILE B 163 -26.37 18.37 -3.46
CA ILE B 163 -25.33 17.89 -4.35
C ILE B 163 -25.27 16.38 -4.51
N MET B 164 -25.23 15.63 -3.41
CA MET B 164 -25.03 14.19 -3.52
C MET B 164 -26.30 13.41 -3.83
N GLU B 165 -27.43 13.88 -3.31
CA GLU B 165 -28.71 13.18 -3.48
C GLU B 165 -29.03 12.74 -4.94
N PRO B 166 -28.92 13.65 -5.93
CA PRO B 166 -29.11 13.20 -7.32
C PRO B 166 -28.17 12.08 -7.77
N LYS B 167 -26.97 12.01 -7.20
CA LYS B 167 -26.03 10.93 -7.48
C LYS B 167 -26.50 9.63 -6.88
N PHE B 168 -27.02 9.69 -5.64
CA PHE B 168 -27.64 8.51 -5.02
C PHE B 168 -28.82 8.03 -5.86
N ASP B 169 -29.64 8.97 -6.35
CA ASP B 169 -30.78 8.63 -7.20
C ASP B 169 -30.34 7.91 -8.49
N PHE B 170 -29.30 8.44 -9.13
CA PHE B 170 -28.68 7.78 -10.30
C PHE B 170 -28.16 6.38 -9.94
N ALA B 171 -27.36 6.31 -8.86
CA ALA B 171 -26.72 5.05 -8.46
C ALA B 171 -27.72 3.94 -8.19
N MET B 172 -28.84 4.26 -7.56
CA MET B 172 -29.86 3.26 -7.28
C MET B 172 -30.39 2.61 -8.57
N LYS B 173 -30.67 3.45 -9.55
CA LYS B 173 -31.07 2.98 -10.88
C LYS B 173 -29.95 2.24 -11.62
N PHE B 174 -28.73 2.76 -11.52
CA PHE B 174 -27.58 2.15 -12.19
C PHE B 174 -27.26 0.78 -11.60
N ASN B 175 -27.24 0.70 -10.27
CA ASN B 175 -26.96 -0.54 -9.56
C ASN B 175 -28.00 -1.64 -9.78
N ALA B 176 -29.22 -1.24 -10.12
CA ALA B 176 -30.29 -2.19 -10.43
C ALA B 176 -30.01 -2.95 -11.73
N LEU B 177 -29.07 -2.45 -12.53
CA LEU B 177 -28.60 -3.18 -13.71
C LEU B 177 -27.70 -4.36 -13.35
N GLU B 178 -27.16 -4.38 -12.13
CA GLU B 178 -26.33 -5.49 -11.64
C GLU B 178 -25.11 -5.76 -12.54
N LEU B 179 -24.46 -4.69 -12.98
CA LEU B 179 -23.21 -4.80 -13.72
C LEU B 179 -22.10 -5.25 -12.78
N ASP B 180 -21.12 -5.95 -13.34
CA ASP B 180 -19.88 -6.24 -12.61
C ASP B 180 -18.75 -5.38 -13.15
N ASP B 181 -17.58 -5.50 -12.56
CA ASP B 181 -16.39 -4.71 -12.95
C ASP B 181 -16.00 -4.86 -14.42
N SER B 182 -16.17 -6.06 -14.97
CA SER B 182 -15.83 -6.35 -16.36
C SER B 182 -16.76 -5.60 -17.33
N ASP B 183 -18.02 -5.38 -16.93
CA ASP B 183 -18.95 -4.52 -17.66
C ASP B 183 -18.60 -3.03 -17.45
N ILE B 184 -18.38 -2.64 -16.20
CA ILE B 184 -18.13 -1.24 -15.86
C ILE B 184 -16.86 -0.71 -16.51
N SER B 185 -15.80 -1.52 -16.55
CA SER B 185 -14.53 -1.09 -17.16
C SER B 185 -14.75 -0.69 -18.62
N LEU B 186 -15.55 -1.48 -19.32
CA LEU B 186 -15.94 -1.20 -20.71
C LEU B 186 -16.82 0.05 -20.83
N PHE B 187 -17.81 0.18 -19.93
CA PHE B 187 -18.67 1.37 -19.89
C PHE B 187 -17.85 2.65 -19.74
N VAL B 188 -16.92 2.64 -18.79
CA VAL B 188 -16.03 3.78 -18.55
C VAL B 188 -15.12 4.07 -19.76
N ALA B 189 -14.55 3.02 -20.37
CA ALA B 189 -13.77 3.17 -21.61
C ALA B 189 -14.60 3.90 -22.70
N ALA B 190 -15.87 3.53 -22.81
CA ALA B 190 -16.82 4.13 -23.77
C ALA B 190 -17.16 5.60 -23.44
N ILE B 191 -17.25 5.91 -22.15
CA ILE B 191 -17.47 7.28 -21.70
C ILE B 191 -16.32 8.19 -22.11
N ILE B 192 -15.11 7.72 -21.85
CA ILE B 192 -13.88 8.48 -22.14
C ILE B 192 -13.65 8.66 -23.65
N CYS B 193 -13.77 7.57 -24.41
CA CYS B 193 -13.52 7.60 -25.86
C CYS B 193 -14.80 7.96 -26.59
N CYS B 194 -15.12 9.24 -26.56
CA CYS B 194 -16.39 9.73 -27.06
C CYS B 194 -16.18 10.83 -28.08
N GLY B 195 -16.60 10.57 -29.31
CA GLY B 195 -16.41 11.50 -30.42
C GLY B 195 -17.22 12.78 -30.34
N ASP B 196 -18.18 12.83 -29.43
CA ASP B 196 -19.11 13.96 -29.34
C ASP B 196 -18.68 15.03 -28.31
N ARG B 197 -17.41 15.00 -27.91
CA ARG B 197 -16.84 16.04 -27.07
C ARG B 197 -16.43 17.23 -27.94
N PRO B 198 -16.63 18.46 -27.43
CA PRO B 198 -16.25 19.67 -28.17
C PRO B 198 -14.74 19.92 -28.24
N GLY B 199 -14.29 20.45 -29.37
CA GLY B 199 -12.91 20.89 -29.54
C GLY B 199 -11.90 19.82 -29.89
N LEU B 200 -12.38 18.66 -30.34
CA LEU B 200 -11.49 17.59 -30.80
C LEU B 200 -10.83 17.95 -32.13
N LEU B 201 -9.52 17.77 -32.21
CA LEU B 201 -8.77 18.05 -33.44
C LEU B 201 -8.98 16.99 -34.53
N ASN B 202 -9.05 15.72 -34.12
CA ASN B 202 -9.36 14.65 -35.07
C ASN B 202 -10.52 13.79 -34.59
N VAL B 203 -11.74 14.24 -34.85
CA VAL B 203 -12.93 13.52 -34.42
C VAL B 203 -13.05 12.14 -35.07
N GLY B 204 -12.64 12.06 -36.34
CA GLY B 204 -12.67 10.81 -37.10
C GLY B 204 -11.92 9.69 -36.41
N HIS B 205 -10.75 9.99 -35.90
CA HIS B 205 -9.91 9.02 -35.19
C HIS B 205 -10.60 8.52 -33.91
N ILE B 206 -11.21 9.43 -33.17
CA ILE B 206 -11.91 9.10 -31.93
C ILE B 206 -13.20 8.32 -32.23
N GLU B 207 -13.90 8.68 -33.31
CA GLU B 207 -15.09 7.92 -33.73
C GLU B 207 -14.77 6.46 -34.07
N LYS B 208 -13.63 6.23 -34.72
CA LYS B 208 -13.17 4.86 -35.03
C LYS B 208 -12.83 4.08 -33.76
N MET B 209 -12.23 4.77 -32.79
CA MET B 209 -11.90 4.16 -31.51
C MET B 209 -13.17 3.84 -30.71
N GLN B 210 -14.05 4.83 -30.59
CA GLN B 210 -15.37 4.68 -29.97
C GLN B 210 -16.15 3.49 -30.52
N GLU B 211 -16.30 3.44 -31.85
CA GLU B 211 -17.04 2.38 -32.52
C GLU B 211 -16.53 1.00 -32.09
N GLY B 212 -15.21 0.85 -32.01
CA GLY B 212 -14.57 -0.38 -31.58
C GLY B 212 -14.87 -0.75 -30.13
N ILE B 213 -14.84 0.23 -29.25
CA ILE B 213 -15.09 0.00 -27.83
C ILE B 213 -16.57 -0.32 -27.58
N VAL B 214 -17.47 0.39 -28.26
CA VAL B 214 -18.91 0.16 -28.14
C VAL B 214 -19.30 -1.26 -28.63
N HIS B 215 -18.63 -1.71 -29.69
CA HIS B 215 -18.84 -3.04 -30.25
C HIS B 215 -18.48 -4.11 -29.20
N VAL B 216 -17.26 -4.01 -28.66
CA VAL B 216 -16.78 -4.88 -27.58
CA VAL B 216 -16.82 -4.94 -27.60
C VAL B 216 -17.72 -4.88 -26.37
N LEU B 217 -18.18 -3.68 -26.00
CA LEU B 217 -19.15 -3.54 -24.90
C LEU B 217 -20.43 -4.32 -25.19
N ARG B 218 -21.03 -4.08 -26.35
CA ARG B 218 -22.26 -4.77 -26.75
C ARG B 218 -22.10 -6.29 -26.67
N LEU B 219 -21.01 -6.82 -27.22
CA LEU B 219 -20.78 -8.26 -27.23
C LEU B 219 -20.46 -8.82 -25.85
N HIS B 220 -19.65 -8.10 -25.07
CA HIS B 220 -19.39 -8.51 -23.70
C HIS B 220 -20.70 -8.60 -22.89
N LEU B 221 -21.54 -7.57 -23.00
CA LEU B 221 -22.82 -7.56 -22.27
C LEU B 221 -23.73 -8.74 -22.63
N GLN B 222 -23.79 -9.07 -23.92
CA GLN B 222 -24.59 -10.20 -24.38
CA GLN B 222 -24.57 -10.21 -24.40
C GLN B 222 -24.04 -11.54 -23.85
N SER B 223 -22.72 -11.65 -23.70
CA SER B 223 -22.10 -12.87 -23.20
CA SER B 223 -22.12 -12.89 -23.20
C SER B 223 -22.20 -12.97 -21.68
N ASN B 224 -21.97 -11.83 -21.02
CA ASN B 224 -21.97 -11.74 -19.56
C ASN B 224 -23.36 -11.71 -18.95
N HIS B 225 -24.33 -11.19 -19.70
CA HIS B 225 -25.71 -11.07 -19.23
C HIS B 225 -26.69 -11.58 -20.30
N PRO B 226 -26.61 -12.88 -20.64
CA PRO B 226 -27.41 -13.39 -21.77
C PRO B 226 -28.92 -13.42 -21.47
N ASP B 227 -29.29 -13.16 -20.22
CA ASP B 227 -30.68 -13.09 -19.76
C ASP B 227 -31.35 -11.74 -20.09
N ASP B 228 -30.54 -10.70 -20.27
CA ASP B 228 -31.04 -9.35 -20.47
C ASP B 228 -30.51 -8.75 -21.77
N ILE B 229 -31.16 -9.06 -22.88
CA ILE B 229 -30.69 -8.61 -24.20
C ILE B 229 -30.79 -7.11 -24.38
N PHE B 230 -31.66 -6.46 -23.61
CA PHE B 230 -31.83 -5.01 -23.71
C PHE B 230 -30.90 -4.21 -22.79
N LEU B 231 -29.92 -4.88 -22.19
CA LEU B 231 -28.99 -4.22 -21.27
C LEU B 231 -28.17 -3.15 -22.00
N PHE B 232 -27.69 -3.45 -23.20
CA PHE B 232 -26.91 -2.49 -23.99
C PHE B 232 -27.66 -1.16 -24.27
N PRO B 233 -28.87 -1.23 -24.85
CA PRO B 233 -29.66 0.01 -24.96
C PRO B 233 -29.98 0.69 -23.61
N LYS B 234 -30.19 -0.09 -22.55
CA LYS B 234 -30.35 0.49 -21.20
C LYS B 234 -29.12 1.29 -20.77
N LEU B 235 -27.93 0.78 -21.09
CA LEU B 235 -26.69 1.49 -20.77
C LEU B 235 -26.49 2.75 -21.63
N LEU B 236 -26.96 2.73 -22.86
CA LEU B 236 -26.92 3.96 -23.68
C LEU B 236 -27.81 5.05 -23.06
N GLN B 237 -28.98 4.67 -22.55
CA GLN B 237 -29.82 5.58 -21.77
C GLN B 237 -29.07 6.12 -20.55
N LYS B 238 -28.31 5.26 -19.88
CA LYS B 238 -27.54 5.67 -18.70
C LYS B 238 -26.48 6.69 -19.06
N MET B 239 -25.86 6.51 -20.22
CA MET B 239 -24.90 7.49 -20.75
C MET B 239 -25.48 8.89 -20.89
N ALA B 240 -26.73 8.98 -21.37
CA ALA B 240 -27.43 10.27 -21.48
C ALA B 240 -27.74 10.84 -20.10
N ASP B 241 -28.22 9.99 -19.19
CA ASP B 241 -28.49 10.40 -17.82
C ASP B 241 -27.24 10.91 -17.09
N LEU B 242 -26.11 10.30 -17.36
CA LEU B 242 -24.83 10.75 -16.79
C LEU B 242 -24.43 12.12 -17.28
N ARG B 243 -24.56 12.37 -18.59
CA ARG B 243 -24.30 13.69 -19.15
C ARG B 243 -25.13 14.77 -18.45
N GLN B 244 -26.41 14.49 -18.26
CA GLN B 244 -27.31 15.44 -17.59
C GLN B 244 -26.95 15.59 -16.11
N LEU B 245 -26.58 14.48 -15.46
CA LEU B 245 -26.13 14.52 -14.05
C LEU B 245 -24.89 15.42 -13.88
N VAL B 246 -23.96 15.32 -14.82
CA VAL B 246 -22.73 16.11 -14.79
C VAL B 246 -22.98 17.60 -15.06
N THR B 247 -23.86 17.91 -16.00
CA THR B 247 -24.31 19.29 -16.27
CA THR B 247 -24.20 19.32 -16.23
C THR B 247 -24.90 19.94 -15.01
N GLU B 248 -25.77 19.17 -14.33
CA GLU B 248 -26.39 19.60 -13.08
CA GLU B 248 -26.40 19.61 -13.09
C GLU B 248 -25.33 19.83 -12.00
N HIS B 249 -24.37 18.91 -11.91
CA HIS B 249 -23.28 19.01 -10.93
C HIS B 249 -22.41 20.24 -11.16
N ALA B 250 -22.02 20.46 -12.42
CA ALA B 250 -21.25 21.66 -12.82
C ALA B 250 -21.98 22.94 -12.39
N GLN B 251 -23.28 22.97 -12.62
CA GLN B 251 -24.14 24.10 -12.24
C GLN B 251 -24.18 24.31 -10.72
N LEU B 252 -24.36 23.23 -9.96
CA LEU B 252 -24.38 23.30 -8.50
C LEU B 252 -23.04 23.78 -7.94
N VAL B 253 -21.95 23.32 -8.55
CA VAL B 253 -20.62 23.76 -8.14
C VAL B 253 -20.41 25.25 -8.46
N GLN B 254 -20.95 25.68 -9.60
CA GLN B 254 -20.94 27.09 -9.97
C GLN B 254 -21.72 27.97 -8.97
N ILE B 255 -22.88 27.49 -8.52
CA ILE B 255 -23.63 28.17 -7.45
C ILE B 255 -22.77 28.35 -6.20
N ILE B 256 -22.12 27.28 -5.74
CA ILE B 256 -21.19 27.36 -4.61
C ILE B 256 -20.06 28.38 -4.87
N LYS B 257 -19.49 28.32 -6.06
CA LYS B 257 -18.42 29.23 -6.48
C LYS B 257 -18.82 30.70 -6.45
N LYS B 258 -20.03 31.01 -6.91
CA LYS B 258 -20.46 32.40 -6.98
C LYS B 258 -21.04 32.94 -5.66
N THR B 259 -21.65 32.07 -4.86
CA THR B 259 -22.41 32.52 -3.69
C THR B 259 -21.73 32.27 -2.31
N GLU B 260 -20.92 31.22 -2.22
CA GLU B 260 -20.34 30.82 -0.94
C GLU B 260 -19.09 31.62 -0.58
N SER B 261 -19.03 32.09 0.67
CA SER B 261 -17.94 32.94 1.13
C SER B 261 -16.61 32.21 1.30
N ASP B 262 -16.67 30.98 1.82
CA ASP B 262 -15.45 30.23 2.14
C ASP B 262 -15.32 28.87 1.41
N ALA B 263 -15.94 28.76 0.24
CA ALA B 263 -15.85 27.50 -0.50
C ALA B 263 -14.95 27.66 -1.71
N ALA B 264 -13.72 27.18 -1.58
CA ALA B 264 -12.71 27.25 -2.63
C ALA B 264 -12.63 25.96 -3.46
N LEU B 265 -12.14 26.07 -4.69
CA LEU B 265 -12.02 24.93 -5.61
C LEU B 265 -10.55 24.62 -5.94
N HIS B 266 -10.19 23.34 -5.83
CA HIS B 266 -8.88 22.82 -6.23
C HIS B 266 -8.51 23.29 -7.65
N PRO B 267 -7.28 23.79 -7.85
CA PRO B 267 -6.87 24.38 -9.15
C PRO B 267 -7.05 23.44 -10.37
N LEU B 268 -6.78 22.15 -10.21
CA LEU B 268 -7.05 21.18 -11.27
C LEU B 268 -8.54 21.08 -11.59
N LEU B 269 -9.37 21.11 -10.56
CA LEU B 269 -10.83 21.02 -10.75
C LEU B 269 -11.37 22.26 -11.47
N GLN B 270 -10.89 23.44 -11.10
CA GLN B 270 -11.30 24.66 -11.79
C GLN B 270 -11.00 24.55 -13.28
N GLU B 271 -9.83 24.01 -13.62
CA GLU B 271 -9.44 23.82 -15.03
C GLU B 271 -10.37 22.85 -15.78
N ILE B 272 -10.76 21.76 -15.12
CA ILE B 272 -11.68 20.80 -15.71
C ILE B 272 -13.04 21.46 -15.98
N TYR B 273 -13.55 22.18 -14.99
CA TYR B 273 -14.86 22.83 -15.06
C TYR B 273 -14.89 24.01 -16.02
N ARG B 274 -13.71 24.54 -16.33
CA ARG B 274 -13.57 25.72 -17.18
C ARG B 274 -14.10 25.49 -18.60
N ASP B 275 -15.08 26.29 -18.99
CA ASP B 275 -15.67 26.24 -20.34
C ASP B 275 -16.42 24.94 -20.65
N MET B 276 -17.09 24.39 -19.64
CA MET B 276 -17.97 23.24 -19.79
C MET B 276 -19.42 23.68 -19.86
N TYR B 277 -19.87 24.53 -19.07
#